data_3N1E
#
_entry.id   3N1E
#
_cell.length_a   29.760
_cell.length_b   77.064
_cell.length_c   120.057
_cell.angle_alpha   90.000
_cell.angle_beta   90.000
_cell.angle_gamma   90.000
#
_symmetry.space_group_name_H-M   'P 21 21 21'
#
loop_
_entity.id
_entity.type
_entity.pdbx_description
1 polymer 'Vacuolar protein sorting-associated protein 54'
2 non-polymer GLYCEROL
3 non-polymer 'MAGNESIUM ION'
4 water water
#
_entity_poly.entity_id   1
_entity_poly.type   'polypeptide(L)'
_entity_poly.pdbx_seq_one_letter_code
;MDQWSMLRHFDHITKDYHDHIAEISAKLVAIMDSLFDKLLSKYEVKAPVPSPCFRNICKQMTKMHEAIFDLLPEEQTQML
FLRINASYKLHLKKQLSHLNVINDGGPQNGLVTADVAFYTGNLQALKGLKDLDLNMAEIWE
;
_entity_poly.pdbx_strand_id   A,B
#
# COMPACT_ATOMS: atom_id res chain seq x y z
N ASP A 2 11.02 46.70 -22.27
CA ASP A 2 10.00 46.83 -21.18
C ASP A 2 9.41 45.47 -20.78
N GLN A 3 8.65 45.46 -19.68
CA GLN A 3 8.01 44.24 -19.18
C GLN A 3 7.14 43.53 -20.22
N TRP A 4 6.49 44.30 -21.08
CA TRP A 4 5.63 43.75 -22.14
C TRP A 4 6.44 42.99 -23.21
N SER A 5 7.50 43.62 -23.71
CA SER A 5 8.39 42.97 -24.69
C SER A 5 9.16 41.76 -24.13
N MET A 6 9.65 41.87 -22.90
CA MET A 6 10.29 40.73 -22.24
CA MET A 6 10.30 40.73 -22.24
C MET A 6 9.36 39.52 -22.21
N LEU A 7 8.12 39.75 -21.79
CA LEU A 7 7.13 38.69 -21.65
C LEU A 7 6.67 38.12 -22.99
N ARG A 8 6.65 38.96 -24.02
CA ARG A 8 6.40 38.47 -25.38
C ARG A 8 7.49 37.50 -25.84
N HIS A 9 8.74 37.78 -25.46
CA HIS A 9 9.86 36.90 -25.73
C HIS A 9 9.71 35.60 -24.92
N PHE A 10 9.38 35.74 -23.63
CA PHE A 10 9.09 34.57 -22.80
C PHE A 10 8.01 33.69 -23.46
N ASP A 11 6.90 34.31 -23.85
CA ASP A 11 5.80 33.59 -24.51
C ASP A 11 6.26 32.80 -25.74
N HIS A 12 7.07 33.45 -26.58
CA HIS A 12 7.58 32.82 -27.81
C HIS A 12 8.50 31.63 -27.51
N ILE A 13 9.40 31.83 -26.54
CA ILE A 13 10.36 30.80 -26.13
C ILE A 13 9.66 29.57 -25.56
N THR A 14 8.56 29.78 -24.84
CA THR A 14 7.89 28.71 -24.11
C THR A 14 6.57 28.26 -24.76
N LYS A 15 6.26 28.75 -25.95
CA LYS A 15 4.93 28.50 -26.54
C LYS A 15 4.60 27.01 -26.68
N ASP A 16 5.63 26.19 -26.89
CA ASP A 16 5.46 24.75 -27.10
C ASP A 16 5.78 23.89 -25.89
N TYR A 17 6.02 24.54 -24.75
CA TYR A 17 6.51 23.84 -23.57
C TYR A 17 5.57 22.72 -23.16
N HIS A 18 4.29 23.06 -22.95
CA HIS A 18 3.30 22.06 -22.50
C HIS A 18 3.10 20.91 -23.47
N ASP A 19 2.98 21.25 -24.75
CA ASP A 19 2.79 20.24 -25.80
C ASP A 19 4.00 19.32 -25.87
N HIS A 20 5.21 19.88 -25.82
CA HIS A 20 6.41 19.06 -25.90
C HIS A 20 6.64 18.15 -24.67
N ILE A 21 6.33 18.65 -23.46
CA ILE A 21 6.38 17.77 -22.28
C ILE A 21 5.48 16.56 -22.45
N ALA A 22 4.30 16.74 -23.06
CA ALA A 22 3.35 15.64 -23.24
C ALA A 22 3.92 14.60 -24.19
N GLU A 23 4.71 15.07 -25.15
CA GLU A 23 5.35 14.22 -26.15
C GLU A 23 6.47 13.38 -25.55
N ILE A 24 7.30 13.98 -24.69
CA ILE A 24 8.29 13.21 -23.93
C ILE A 24 7.58 12.22 -23.00
N SER A 25 6.54 12.70 -22.32
CA SER A 25 5.79 11.86 -21.40
C SER A 25 5.16 10.67 -22.12
N ALA A 26 4.83 10.83 -23.41
CA ALA A 26 4.30 9.71 -24.24
C ALA A 26 5.28 8.55 -24.27
N LYS A 27 6.58 8.87 -24.38
CA LYS A 27 7.63 7.82 -24.40
C LYS A 27 7.72 7.10 -23.05
N LEU A 28 7.51 7.86 -21.96
CA LEU A 28 7.45 7.30 -20.64
C LEU A 28 6.24 6.38 -20.42
N VAL A 29 5.05 6.80 -20.87
CA VAL A 29 3.87 5.94 -20.83
C VAL A 29 4.11 4.66 -21.62
N ALA A 30 4.81 4.77 -22.73
CA ALA A 30 5.01 3.57 -23.55
C ALA A 30 5.93 2.59 -22.83
N ILE A 31 6.96 3.11 -22.18
CA ILE A 31 7.84 2.28 -21.38
C ILE A 31 7.07 1.57 -20.28
N MET A 32 6.21 2.31 -19.57
CA MET A 32 5.49 1.65 -18.48
C MET A 32 4.45 0.67 -19.01
N ASP A 33 3.79 1.02 -20.11
CA ASP A 33 2.83 0.11 -20.75
C ASP A 33 3.46 -1.24 -21.09
N SER A 34 4.69 -1.23 -21.61
CA SER A 34 5.38 -2.47 -21.93
CA SER A 34 5.40 -2.46 -21.94
C SER A 34 5.73 -3.28 -20.69
N LEU A 35 6.15 -2.61 -19.62
CA LEU A 35 6.36 -3.27 -18.32
C LEU A 35 5.11 -3.93 -17.78
N PHE A 36 3.99 -3.20 -17.80
CA PHE A 36 2.71 -3.74 -17.35
C PHE A 36 2.27 -4.95 -18.18
N ASP A 37 2.45 -4.89 -19.50
CA ASP A 37 2.07 -6.01 -20.35
C ASP A 37 2.92 -7.22 -19.97
N LYS A 38 4.23 -7.01 -19.81
CA LYS A 38 5.14 -8.11 -19.49
C LYS A 38 4.78 -8.77 -18.16
N LEU A 39 4.57 -7.93 -17.15
CA LEU A 39 4.31 -8.44 -15.80
C LEU A 39 2.91 -9.02 -15.63
N LEU A 40 1.90 -8.29 -16.09
CA LEU A 40 0.51 -8.70 -15.86
C LEU A 40 0.08 -9.90 -16.71
N SER A 41 0.76 -10.14 -17.83
CA SER A 41 0.49 -11.30 -18.69
CA SER A 41 0.41 -11.29 -18.65
C SER A 41 0.83 -12.60 -17.97
N LYS A 42 1.68 -12.49 -16.94
CA LYS A 42 2.14 -13.63 -16.12
C LYS A 42 1.53 -13.65 -14.71
N TYR A 43 0.63 -12.71 -14.43
CA TYR A 43 0.12 -12.57 -13.06
C TYR A 43 -0.78 -13.73 -12.70
N GLU A 44 -0.54 -14.33 -11.54
CA GLU A 44 -1.46 -15.35 -11.03
C GLU A 44 -2.01 -14.87 -9.69
N VAL A 45 -3.30 -15.12 -9.47
CA VAL A 45 -3.95 -14.63 -8.28
C VAL A 45 -3.73 -15.63 -7.13
N LYS A 46 -2.91 -15.23 -6.16
CA LYS A 46 -2.67 -16.05 -4.95
C LYS A 46 -2.07 -15.18 -3.85
N ALA A 47 -2.18 -15.68 -2.62
CA ALA A 47 -1.49 -15.09 -1.48
C ALA A 47 -0.02 -15.49 -1.51
N PRO A 48 0.86 -14.68 -0.90
CA PRO A 48 0.53 -13.48 -0.12
C PRO A 48 0.41 -12.21 -0.96
N VAL A 49 -0.18 -11.18 -0.34
CA VAL A 49 -0.38 -9.86 -0.97
C VAL A 49 0.44 -8.88 -0.13
N PRO A 50 1.20 -7.98 -0.79
CA PRO A 50 1.23 -7.84 -2.26
C PRO A 50 1.97 -8.96 -2.99
N SER A 51 1.43 -9.38 -4.14
CA SER A 51 2.06 -10.39 -4.98
C SER A 51 3.40 -9.86 -5.53
N PRO A 52 4.29 -10.76 -5.96
CA PRO A 52 5.53 -10.27 -6.58
C PRO A 52 5.26 -9.31 -7.76
N CYS A 53 4.27 -9.61 -8.59
CA CYS A 53 3.92 -8.78 -9.73
C CYS A 53 3.62 -7.35 -9.26
N PHE A 54 2.74 -7.24 -8.26
CA PHE A 54 2.34 -5.91 -7.79
C PHE A 54 3.46 -5.20 -7.03
N ARG A 55 4.32 -5.95 -6.33
CA ARG A 55 5.48 -5.31 -5.69
C ARG A 55 6.37 -4.65 -6.73
N ASN A 56 6.57 -5.36 -7.84
CA ASN A 56 7.44 -4.85 -8.89
CA ASN A 56 7.43 -4.91 -8.93
C ASN A 56 6.83 -3.66 -9.60
N ILE A 57 5.55 -3.74 -9.95
CA ILE A 57 4.83 -2.62 -10.56
C ILE A 57 4.96 -1.39 -9.64
N CYS A 58 4.65 -1.58 -8.36
CA CYS A 58 4.65 -0.43 -7.45
C CYS A 58 6.05 0.13 -7.23
N LYS A 59 7.07 -0.73 -7.17
CA LYS A 59 8.44 -0.24 -7.05
C LYS A 59 8.81 0.65 -8.25
N GLN A 60 8.46 0.21 -9.46
CA GLN A 60 8.80 1.01 -10.66
C GLN A 60 8.02 2.30 -10.76
N MET A 61 6.76 2.30 -10.31
CA MET A 61 5.94 3.51 -10.24
CA MET A 61 6.00 3.53 -10.30
C MET A 61 6.58 4.52 -9.29
N THR A 62 7.06 4.01 -8.16
CA THR A 62 7.75 4.82 -7.16
CA THR A 62 7.69 4.89 -7.20
C THR A 62 9.03 5.42 -7.73
N LYS A 63 9.80 4.58 -8.40
CA LYS A 63 11.08 5.03 -8.95
C LYS A 63 10.82 6.07 -10.06
N MET A 64 9.76 5.86 -10.83
CA MET A 64 9.41 6.80 -11.90
C MET A 64 9.06 8.16 -11.29
N HIS A 65 8.30 8.13 -10.19
CA HIS A 65 7.88 9.36 -9.54
C HIS A 65 9.11 10.11 -9.02
N GLU A 66 10.05 9.36 -8.43
CA GLU A 66 11.29 9.95 -7.91
C GLU A 66 12.11 10.59 -9.02
N ALA A 67 12.14 9.94 -10.18
CA ALA A 67 12.93 10.41 -11.32
C ALA A 67 12.37 11.71 -11.94
N ILE A 68 11.06 11.88 -11.95
CA ILE A 68 10.44 13.03 -12.68
C ILE A 68 9.89 14.15 -11.79
N PHE A 69 9.94 13.93 -10.48
CA PHE A 69 9.34 14.89 -9.58
C PHE A 69 9.85 16.32 -9.80
N ASP A 70 11.16 16.47 -9.95
CA ASP A 70 11.79 17.78 -10.16
C ASP A 70 11.88 18.21 -11.62
N LEU A 71 11.30 17.42 -12.52
CA LEU A 71 11.38 17.66 -13.95
C LEU A 71 10.05 18.03 -14.57
N LEU A 72 8.97 17.76 -13.83
CA LEU A 72 7.63 18.08 -14.31
C LEU A 72 6.88 18.96 -13.31
N PRO A 73 6.11 19.94 -13.80
CA PRO A 73 5.17 20.61 -12.92
C PRO A 73 4.15 19.61 -12.32
N GLU A 74 3.58 19.96 -11.17
CA GLU A 74 2.68 19.05 -10.44
C GLU A 74 1.48 18.58 -11.28
N GLU A 75 0.85 19.49 -12.00
CA GLU A 75 -0.32 19.13 -12.82
C GLU A 75 0.02 18.08 -13.90
N GLN A 76 1.18 18.24 -14.56
CA GLN A 76 1.66 17.30 -15.57
C GLN A 76 2.03 15.96 -14.94
N THR A 77 2.51 15.98 -13.71
CA THR A 77 2.86 14.72 -13.01
C THR A 77 1.58 13.96 -12.70
N GLN A 78 0.56 14.68 -12.24
CA GLN A 78 -0.76 14.09 -12.04
C GLN A 78 -1.33 13.49 -13.35
N MET A 79 -1.23 14.25 -14.44
CA MET A 79 -1.72 13.77 -15.74
C MET A 79 -0.96 12.53 -16.21
N LEU A 80 0.36 12.52 -15.98
CA LEU A 80 1.19 11.38 -16.35
C LEU A 80 0.71 10.14 -15.62
N PHE A 81 0.50 10.28 -14.32
CA PHE A 81 0.07 9.14 -13.53
C PHE A 81 -1.32 8.65 -13.86
N LEU A 82 -2.20 9.56 -14.29
CA LEU A 82 -3.51 9.10 -14.79
C LEU A 82 -3.38 8.26 -16.06
N ARG A 83 -2.45 8.60 -16.95
CA ARG A 83 -2.18 7.79 -18.16
C ARG A 83 -1.54 6.45 -17.83
N ILE A 84 -0.58 6.47 -16.93
CA ILE A 84 0.06 5.24 -16.46
C ILE A 84 -1.02 4.35 -15.84
N ASN A 85 -1.85 4.92 -14.98
CA ASN A 85 -2.95 4.15 -14.37
C ASN A 85 -3.90 3.54 -15.39
N ALA A 86 -4.19 4.28 -16.46
CA ALA A 86 -5.08 3.77 -17.49
C ALA A 86 -4.46 2.54 -18.17
N SER A 87 -3.16 2.59 -18.43
CA SER A 87 -2.44 1.46 -18.99
C SER A 87 -2.45 0.25 -18.05
N TYR A 88 -2.14 0.49 -16.77
CA TYR A 88 -2.19 -0.55 -15.77
C TYR A 88 -3.57 -1.25 -15.76
N LYS A 89 -4.64 -0.48 -15.72
CA LYS A 89 -5.99 -1.02 -15.67
C LYS A 89 -6.29 -1.83 -16.92
N LEU A 90 -5.83 -1.37 -18.08
CA LEU A 90 -6.14 -2.11 -19.32
C LEU A 90 -5.49 -3.49 -19.27
N HIS A 91 -4.22 -3.55 -18.85
CA HIS A 91 -3.50 -4.81 -18.81
C HIS A 91 -4.02 -5.72 -17.70
N LEU A 92 -4.40 -5.12 -16.55
CA LEU A 92 -4.94 -5.92 -15.45
C LEU A 92 -6.30 -6.48 -15.86
N LYS A 93 -7.16 -5.65 -16.45
CA LYS A 93 -8.48 -6.09 -16.93
C LYS A 93 -8.32 -7.28 -17.90
N LYS A 94 -7.36 -7.20 -18.83
CA LYS A 94 -7.13 -8.28 -19.80
CA LYS A 94 -7.14 -8.29 -19.80
C LYS A 94 -6.79 -9.60 -19.08
N GLN A 95 -5.93 -9.51 -18.09
CA GLN A 95 -5.49 -10.71 -17.39
C GLN A 95 -6.60 -11.29 -16.53
N LEU A 96 -7.39 -10.43 -15.89
CA LEU A 96 -8.47 -10.94 -15.05
C LEU A 96 -9.46 -11.68 -15.94
N SER A 97 -9.67 -11.16 -17.14
CA SER A 97 -10.60 -11.79 -18.07
CA SER A 97 -10.61 -11.79 -18.06
C SER A 97 -10.07 -13.12 -18.52
N HIS A 98 -8.78 -13.15 -18.83
CA HIS A 98 -8.08 -14.38 -19.25
C HIS A 98 -8.18 -15.46 -18.18
N LEU A 99 -8.00 -15.06 -16.91
CA LEU A 99 -8.04 -15.97 -15.77
C LEU A 99 -9.46 -16.28 -15.30
N ASN A 100 -10.47 -15.64 -15.90
CA ASN A 100 -11.88 -15.81 -15.49
C ASN A 100 -12.13 -15.50 -14.02
N VAL A 101 -11.50 -14.41 -13.58
CA VAL A 101 -11.73 -13.92 -12.22
C VAL A 101 -12.83 -12.90 -12.31
N ILE A 102 -13.86 -13.08 -11.48
CA ILE A 102 -14.99 -12.18 -11.53
C ILE A 102 -15.24 -11.52 -10.18
N ASN A 103 -16.00 -10.43 -10.21
CA ASN A 103 -16.26 -9.61 -9.04
C ASN A 103 -17.44 -10.12 -8.22
N ASP A 104 -17.31 -11.34 -7.68
CA ASP A 104 -18.42 -12.02 -6.97
C ASP A 104 -18.28 -12.07 -5.46
N GLY A 105 -17.19 -11.49 -4.94
CA GLY A 105 -16.95 -11.50 -3.50
C GLY A 105 -16.26 -12.74 -2.95
N GLY A 106 -15.96 -13.69 -3.85
CA GLY A 106 -15.26 -14.91 -3.48
C GLY A 106 -13.79 -14.69 -3.21
N PRO A 107 -13.09 -15.71 -2.69
CA PRO A 107 -11.69 -15.60 -2.28
C PRO A 107 -10.78 -15.08 -3.41
N GLN A 108 -10.97 -15.52 -4.65
CA GLN A 108 -10.17 -15.01 -5.77
CA GLN A 108 -10.15 -15.00 -5.76
C GLN A 108 -10.37 -13.53 -6.02
N ASN A 109 -11.63 -13.12 -6.13
CA ASN A 109 -11.96 -11.69 -6.22
C ASN A 109 -11.31 -10.91 -5.04
N GLY A 110 -11.39 -11.49 -3.84
CA GLY A 110 -10.86 -10.85 -2.62
C GLY A 110 -9.36 -10.62 -2.72
N LEU A 111 -8.66 -11.57 -3.31
CA LEU A 111 -7.20 -11.42 -3.41
C LEU A 111 -6.83 -10.33 -4.38
N VAL A 112 -7.56 -10.24 -5.49
CA VAL A 112 -7.29 -9.15 -6.42
C VAL A 112 -7.61 -7.80 -5.76
N THR A 113 -8.75 -7.72 -5.08
CA THR A 113 -9.14 -6.48 -4.36
C THR A 113 -8.01 -6.05 -3.42
N ALA A 114 -7.41 -7.04 -2.75
CA ALA A 114 -6.31 -6.78 -1.81
C ALA A 114 -5.04 -6.27 -2.54
N ASP A 115 -4.69 -6.93 -3.63
CA ASP A 115 -3.49 -6.53 -4.40
C ASP A 115 -3.73 -5.11 -4.96
N VAL A 116 -4.93 -4.84 -5.43
CA VAL A 116 -5.26 -3.52 -5.95
C VAL A 116 -5.22 -2.47 -4.83
N ALA A 117 -5.65 -2.85 -3.63
CA ALA A 117 -5.52 -1.92 -2.48
C ALA A 117 -4.06 -1.55 -2.20
N PHE A 118 -3.14 -2.50 -2.34
CA PHE A 118 -1.70 -2.18 -2.23
C PHE A 118 -1.27 -1.16 -3.32
N TYR A 119 -1.67 -1.43 -4.56
CA TYR A 119 -1.38 -0.54 -5.69
C TYR A 119 -1.91 0.86 -5.46
N THR A 120 -3.17 0.98 -5.07
CA THR A 120 -3.81 2.28 -4.87
CA THR A 120 -3.75 2.32 -4.91
C THR A 120 -3.15 3.08 -3.74
N GLY A 121 -2.89 2.37 -2.64
CA GLY A 121 -2.23 2.95 -1.47
C GLY A 121 -0.86 3.49 -1.83
N ASN A 122 -0.07 2.65 -2.52
CA ASN A 122 1.23 3.08 -2.99
C ASN A 122 1.13 4.35 -3.84
N LEU A 123 0.24 4.33 -4.84
CA LEU A 123 0.13 5.46 -5.78
C LEU A 123 -0.25 6.74 -5.06
N GLN A 124 -1.29 6.66 -4.24
CA GLN A 124 -1.89 7.85 -3.63
C GLN A 124 -0.99 8.42 -2.52
N ALA A 125 -0.04 7.62 -2.05
CA ALA A 125 0.94 8.09 -1.05
C ALA A 125 2.12 8.84 -1.66
N LEU A 126 2.24 8.85 -2.98
CA LEU A 126 3.26 9.65 -3.66
C LEU A 126 2.90 11.14 -3.68
N LYS A 127 3.91 12.01 -3.48
CA LYS A 127 3.64 13.47 -3.40
C LYS A 127 2.88 13.97 -4.60
N GLY A 128 1.79 14.68 -4.34
CA GLY A 128 0.93 15.26 -5.37
C GLY A 128 -0.19 14.37 -5.91
N LEU A 129 -0.20 13.09 -5.52
CA LEU A 129 -1.14 12.15 -6.12
C LEU A 129 -2.33 11.72 -5.24
N LYS A 130 -2.46 12.33 -4.07
CA LYS A 130 -3.42 11.82 -3.09
C LYS A 130 -4.87 11.78 -3.60
N ASP A 131 -5.27 12.80 -4.36
CA ASP A 131 -6.65 12.91 -4.80
C ASP A 131 -6.89 12.51 -6.26
N LEU A 132 -5.94 11.79 -6.87
CA LEU A 132 -6.21 11.21 -8.17
C LEU A 132 -7.41 10.27 -8.14
N ASP A 133 -8.27 10.44 -9.13
CA ASP A 133 -9.47 9.61 -9.30
C ASP A 133 -9.07 8.44 -10.21
N LEU A 134 -8.76 7.30 -9.57
CA LEU A 134 -8.20 6.16 -10.29
C LEU A 134 -9.24 5.27 -10.94
N ASN A 135 -10.47 5.35 -10.45
CA ASN A 135 -11.60 4.54 -10.96
C ASN A 135 -11.22 3.09 -11.14
N MET A 136 -10.75 2.48 -10.04
CA MET A 136 -10.26 1.13 -10.15
CA MET A 136 -10.27 1.11 -10.10
C MET A 136 -11.36 0.10 -10.42
N ALA A 137 -12.61 0.46 -10.08
CA ALA A 137 -13.77 -0.43 -10.35
C ALA A 137 -13.92 -0.80 -11.84
N GLU A 138 -13.37 0.02 -12.72
CA GLU A 138 -13.31 -0.25 -14.16
C GLU A 138 -12.72 -1.61 -14.53
N ILE A 139 -11.81 -2.14 -13.70
CA ILE A 139 -11.15 -3.42 -14.04
C ILE A 139 -12.10 -4.62 -14.07
N TRP A 140 -13.29 -4.46 -13.50
CA TRP A 140 -14.30 -5.53 -13.47
C TRP A 140 -15.38 -5.40 -14.56
N GLU A 141 -15.27 -4.36 -15.40
CA GLU A 141 -16.23 -4.14 -16.50
C GLU A 141 -16.13 -5.23 -17.54
N MET B 1 36.00 14.27 29.15
CA MET B 1 35.26 14.58 27.88
C MET B 1 36.00 14.15 26.61
N ASP B 2 36.86 13.14 26.73
CA ASP B 2 37.53 12.55 25.57
C ASP B 2 36.52 11.80 24.71
N GLN B 3 36.98 11.17 23.63
CA GLN B 3 36.05 10.48 22.73
C GLN B 3 35.25 9.38 23.45
N TRP B 4 35.92 8.59 24.30
CA TRP B 4 35.19 7.57 25.06
C TRP B 4 34.12 8.15 25.99
N SER B 5 34.45 9.23 26.71
CA SER B 5 33.49 9.86 27.61
C SER B 5 32.25 10.39 26.87
N MET B 6 32.48 10.94 25.69
CA MET B 6 31.37 11.42 24.85
C MET B 6 30.49 10.27 24.41
N LEU B 7 31.09 9.13 24.10
CA LEU B 7 30.33 7.94 23.71
C LEU B 7 29.36 7.53 24.83
N ARG B 8 29.83 7.58 26.07
CA ARG B 8 29.01 7.21 27.20
C ARG B 8 27.89 8.23 27.42
N HIS B 9 28.18 9.51 27.18
CA HIS B 9 27.12 10.53 27.24
C HIS B 9 26.05 10.26 26.17
N PHE B 10 26.49 9.96 24.95
CA PHE B 10 25.52 9.68 23.89
C PHE B 10 24.70 8.40 24.17
N ASP B 11 25.31 7.38 24.76
CA ASP B 11 24.55 6.18 25.16
C ASP B 11 23.43 6.51 26.16
N HIS B 12 23.75 7.34 27.15
CA HIS B 12 22.77 7.72 28.16
C HIS B 12 21.61 8.49 27.52
N ILE B 13 21.94 9.45 26.66
CA ILE B 13 20.89 10.32 26.10
C ILE B 13 19.98 9.53 25.18
N THR B 14 20.58 8.61 24.41
CA THR B 14 19.82 7.70 23.55
C THR B 14 18.77 6.95 24.37
N LYS B 15 19.15 6.54 25.58
CA LYS B 15 18.22 5.85 26.51
C LYS B 15 17.01 6.68 26.87
N ASP B 16 17.23 7.95 27.21
CA ASP B 16 16.14 8.87 27.55
C ASP B 16 15.11 8.96 26.41
N TYR B 17 15.58 9.25 25.21
CA TYR B 17 14.69 9.24 24.05
C TYR B 17 13.98 7.89 23.90
N HIS B 18 14.71 6.78 24.00
CA HIS B 18 14.11 5.44 23.86
C HIS B 18 13.04 5.17 24.90
N ASP B 19 13.29 5.55 26.15
CA ASP B 19 12.26 5.38 27.20
C ASP B 19 10.97 6.12 26.91
N HIS B 20 11.11 7.33 26.40
CA HIS B 20 9.99 8.16 26.08
C HIS B 20 9.19 7.49 24.96
N ILE B 21 9.89 7.01 23.94
CA ILE B 21 9.23 6.36 22.77
C ILE B 21 8.54 5.06 23.22
N ALA B 22 9.17 4.34 24.14
CA ALA B 22 8.61 3.09 24.66
C ALA B 22 7.28 3.31 25.38
N GLU B 23 7.19 4.37 26.18
CA GLU B 23 5.98 4.75 26.89
C GLU B 23 4.83 5.07 25.94
N ILE B 24 5.09 5.95 24.97
CA ILE B 24 4.07 6.33 23.99
C ILE B 24 3.63 5.12 23.14
N SER B 25 4.61 4.32 22.75
CA SER B 25 4.36 3.12 21.92
C SER B 25 3.44 2.12 22.64
N ALA B 26 3.77 1.81 23.89
CA ALA B 26 2.94 0.88 24.70
C ALA B 26 1.48 1.37 24.78
N LYS B 27 1.31 2.68 24.96
CA LYS B 27 -0.03 3.25 25.07
C LYS B 27 -0.81 3.18 23.74
N LEU B 28 -0.11 3.40 22.64
CA LEU B 28 -0.73 3.36 21.30
C LEU B 28 -1.04 1.93 20.89
N VAL B 29 -0.14 1.01 21.20
CA VAL B 29 -0.39 -0.44 20.98
C VAL B 29 -1.61 -0.87 21.79
N ALA B 30 -1.74 -0.38 23.02
CA ALA B 30 -2.88 -0.79 23.82
C ALA B 30 -4.23 -0.34 23.27
N ILE B 31 -4.28 0.87 22.71
CA ILE B 31 -5.47 1.38 22.01
C ILE B 31 -5.87 0.48 20.86
N MET B 32 -4.86 0.08 20.05
CA MET B 32 -5.11 -0.84 18.93
C MET B 32 -5.52 -2.21 19.42
N ASP B 33 -4.83 -2.68 20.46
CA ASP B 33 -5.14 -3.98 21.05
C ASP B 33 -6.62 -4.05 21.46
N SER B 34 -7.14 -2.99 22.09
CA SER B 34 -8.55 -2.99 22.53
C SER B 34 -9.52 -2.98 21.36
N LEU B 35 -9.20 -2.21 20.32
CA LEU B 35 -9.93 -2.20 19.07
C LEU B 35 -9.97 -3.58 18.43
N PHE B 36 -8.79 -4.20 18.28
CA PHE B 36 -8.76 -5.54 17.69
C PHE B 36 -9.56 -6.54 18.48
N ASP B 37 -9.46 -6.47 19.82
CA ASP B 37 -10.29 -7.31 20.69
C ASP B 37 -11.79 -7.13 20.40
N LYS B 38 -12.26 -5.88 20.34
CA LYS B 38 -13.67 -5.55 20.06
C LYS B 38 -14.15 -6.00 18.68
N LEU B 39 -13.37 -5.72 17.65
CA LEU B 39 -13.83 -6.02 16.27
C LEU B 39 -13.72 -7.49 15.92
N LEU B 40 -12.62 -8.13 16.31
CA LEU B 40 -12.41 -9.53 15.96
C LEU B 40 -13.25 -10.51 16.78
N SER B 41 -13.69 -10.10 17.96
CA SER B 41 -14.52 -10.96 18.81
CA SER B 41 -14.51 -10.99 18.78
C SER B 41 -15.86 -11.22 18.12
N LYS B 42 -16.22 -10.35 17.17
CA LYS B 42 -17.48 -10.47 16.45
C LYS B 42 -17.29 -10.99 15.03
N TYR B 43 -16.06 -11.31 14.65
CA TYR B 43 -15.78 -11.74 13.27
C TYR B 43 -16.33 -13.14 12.99
N GLU B 44 -16.99 -13.29 11.85
CA GLU B 44 -17.37 -14.60 11.35
C GLU B 44 -16.85 -14.77 9.95
N VAL B 45 -16.40 -15.97 9.63
CA VAL B 45 -15.80 -16.19 8.32
C VAL B 45 -16.92 -16.44 7.31
N LYS B 46 -17.03 -15.56 6.32
CA LYS B 46 -18.05 -15.69 5.27
C LYS B 46 -17.72 -14.77 4.11
N ALA B 47 -18.26 -15.11 2.95
CA ALA B 47 -18.25 -14.22 1.82
C ALA B 47 -19.31 -13.13 2.04
N PRO B 48 -19.10 -11.94 1.46
CA PRO B 48 -18.00 -11.54 0.56
C PRO B 48 -16.73 -11.09 1.29
N VAL B 49 -15.60 -11.21 0.60
CA VAL B 49 -14.31 -10.69 1.09
C VAL B 49 -13.83 -9.58 0.14
N PRO B 50 -13.18 -8.55 0.69
CA PRO B 50 -12.91 -8.41 2.12
C PRO B 50 -14.17 -8.12 2.92
N SER B 51 -14.16 -8.59 4.16
CA SER B 51 -15.33 -8.50 5.03
C SER B 51 -15.48 -7.09 5.57
N PRO B 52 -16.72 -6.72 5.96
CA PRO B 52 -16.88 -5.45 6.63
C PRO B 52 -15.96 -5.30 7.86
N CYS B 53 -15.78 -6.39 8.61
CA CYS B 53 -14.88 -6.40 9.77
C CYS B 53 -13.45 -6.01 9.40
N PHE B 54 -12.88 -6.67 8.39
CA PHE B 54 -11.51 -6.32 7.97
C PHE B 54 -11.43 -4.93 7.33
N ARG B 55 -12.44 -4.53 6.57
CA ARG B 55 -12.43 -3.16 6.02
C ARG B 55 -12.38 -2.14 7.16
N ASN B 56 -13.11 -2.39 8.24
CA ASN B 56 -13.12 -1.45 9.38
C ASN B 56 -11.77 -1.45 10.11
N ILE B 57 -11.20 -2.64 10.35
CA ILE B 57 -9.84 -2.76 10.89
C ILE B 57 -8.85 -1.93 10.06
N CYS B 58 -8.87 -2.12 8.75
CA CYS B 58 -7.95 -1.39 7.87
C CYS B 58 -8.18 0.13 7.90
N LYS B 59 -9.43 0.56 7.89
CA LYS B 59 -9.74 1.98 8.05
C LYS B 59 -9.11 2.59 9.32
N GLN B 60 -9.23 1.89 10.45
CA GLN B 60 -8.73 2.39 11.73
C GLN B 60 -7.20 2.39 11.75
N MET B 61 -6.60 1.35 11.17
CA MET B 61 -5.15 1.28 11.09
CA MET B 61 -5.16 1.23 11.04
C MET B 61 -4.58 2.40 10.25
N THR B 62 -5.24 2.73 9.14
CA THR B 62 -4.82 3.81 8.27
C THR B 62 -4.88 5.15 9.00
N LYS B 63 -6.01 5.40 9.67
CA LYS B 63 -6.17 6.67 10.40
C LYS B 63 -5.10 6.78 11.50
N MET B 64 -4.80 5.67 12.18
CA MET B 64 -3.78 5.64 13.26
CA MET B 64 -3.80 5.68 13.26
C MET B 64 -2.40 5.89 12.67
N HIS B 65 -2.13 5.27 11.52
CA HIS B 65 -0.85 5.53 10.84
C HIS B 65 -0.68 7.00 10.43
N GLU B 66 -1.75 7.60 9.93
CA GLU B 66 -1.74 9.01 9.52
C GLU B 66 -1.30 9.88 10.68
N ALA B 67 -1.84 9.59 11.87
CA ALA B 67 -1.52 10.36 13.07
C ALA B 67 -0.08 10.12 13.53
N ILE B 68 0.31 8.84 13.61
CA ILE B 68 1.64 8.44 14.11
C ILE B 68 2.74 8.87 13.12
N PHE B 69 2.50 8.68 11.83
CA PHE B 69 3.57 8.89 10.83
C PHE B 69 4.00 10.36 10.82
N ASP B 70 3.01 11.23 11.03
CA ASP B 70 3.20 12.67 11.08
C ASP B 70 4.05 13.06 12.29
N LEU B 71 3.94 12.30 13.37
CA LEU B 71 4.49 12.71 14.66
C LEU B 71 5.86 12.13 14.94
N LEU B 72 6.02 10.83 14.72
CA LEU B 72 7.23 10.15 15.16
C LEU B 72 8.30 10.09 14.10
N PRO B 73 9.56 9.80 14.49
CA PRO B 73 10.58 9.45 13.51
C PRO B 73 10.18 8.18 12.71
N GLU B 74 10.57 8.09 11.43
CA GLU B 74 10.14 6.97 10.56
C GLU B 74 10.50 5.56 11.06
N GLU B 75 11.71 5.38 11.60
CA GLU B 75 12.07 4.07 12.16
C GLU B 75 11.20 3.69 13.36
N GLN B 76 10.78 4.68 14.14
CA GLN B 76 9.88 4.44 15.26
C GLN B 76 8.49 4.00 14.78
N THR B 77 7.98 4.66 13.74
CA THR B 77 6.70 4.25 13.11
C THR B 77 6.72 2.78 12.65
N GLN B 78 7.79 2.38 11.95
CA GLN B 78 7.99 0.99 11.56
C GLN B 78 7.96 0.02 12.71
N MET B 79 8.70 0.33 13.76
CA MET B 79 8.74 -0.50 14.97
CA MET B 79 8.73 -0.55 14.91
C MET B 79 7.37 -0.60 15.60
N LEU B 80 6.67 0.54 15.65
CA LEU B 80 5.35 0.56 16.27
C LEU B 80 4.38 -0.33 15.50
N PHE B 81 4.42 -0.23 14.18
CA PHE B 81 3.44 -1.01 13.40
C PHE B 81 3.75 -2.51 13.43
N LEU B 82 5.02 -2.88 13.64
CA LEU B 82 5.35 -4.28 13.88
CA LEU B 82 5.34 -4.27 13.87
C LEU B 82 4.69 -4.80 15.17
N ARG B 83 4.66 -3.95 16.20
CA ARG B 83 4.02 -4.33 17.46
C ARG B 83 2.50 -4.33 17.29
N ILE B 84 1.97 -3.35 16.56
CA ILE B 84 0.51 -3.34 16.26
C ILE B 84 0.12 -4.64 15.52
N ASN B 85 0.90 -5.01 14.50
CA ASN B 85 0.65 -6.23 13.75
C ASN B 85 0.70 -7.48 14.64
N ALA B 86 1.59 -7.47 15.64
CA ALA B 86 1.69 -8.61 16.55
C ALA B 86 0.42 -8.78 17.37
N SER B 87 -0.16 -7.66 17.81
CA SER B 87 -1.46 -7.68 18.52
C SER B 87 -2.58 -8.22 17.63
N TYR B 88 -2.67 -7.68 16.42
CA TYR B 88 -3.66 -8.14 15.46
C TYR B 88 -3.58 -9.65 15.28
N LYS B 89 -2.37 -10.17 15.07
CA LYS B 89 -2.17 -11.60 14.85
C LYS B 89 -2.61 -12.44 16.05
N LEU B 90 -2.30 -11.95 17.25
CA LEU B 90 -2.68 -12.66 18.48
C LEU B 90 -4.21 -12.77 18.62
N HIS B 91 -4.92 -11.67 18.36
CA HIS B 91 -6.37 -11.65 18.42
C HIS B 91 -6.99 -12.47 17.30
N LEU B 92 -6.42 -12.38 16.09
CA LEU B 92 -7.00 -13.17 14.98
C LEU B 92 -6.80 -14.66 15.22
N LYS B 93 -5.61 -15.04 15.70
CA LYS B 93 -5.33 -16.45 16.01
C LYS B 93 -6.39 -16.97 17.00
N LYS B 94 -6.65 -16.18 18.04
CA LYS B 94 -7.67 -16.56 19.07
C LYS B 94 -9.06 -16.75 18.44
N GLN B 95 -9.47 -15.81 17.59
CA GLN B 95 -10.81 -15.91 17.01
C GLN B 95 -10.91 -17.08 16.06
N LEU B 96 -9.87 -17.32 15.26
CA LEU B 96 -9.92 -18.45 14.30
C LEU B 96 -10.05 -19.77 15.05
N SER B 97 -9.33 -19.88 16.17
CA SER B 97 -9.44 -21.06 17.04
CA SER B 97 -9.44 -21.05 17.04
C SER B 97 -10.86 -21.22 17.60
N HIS B 98 -11.46 -20.12 18.04
CA HIS B 98 -12.81 -20.10 18.60
C HIS B 98 -13.82 -20.53 17.54
N LEU B 99 -13.57 -20.10 16.30
CA LEU B 99 -14.43 -20.42 15.17
C LEU B 99 -14.18 -21.82 14.57
N ASN B 100 -13.18 -22.52 15.09
CA ASN B 100 -12.71 -23.81 14.54
C ASN B 100 -12.35 -23.78 13.05
N VAL B 101 -11.78 -22.65 12.61
CA VAL B 101 -11.33 -22.47 11.24
C VAL B 101 -9.85 -22.75 11.22
N ILE B 102 -9.46 -23.68 10.35
CA ILE B 102 -8.07 -24.15 10.25
C ILE B 102 -7.50 -24.03 8.84
N ASN B 103 -6.17 -24.14 8.73
CA ASN B 103 -5.53 -23.98 7.44
C ASN B 103 -5.41 -25.31 6.70
N ASP B 104 -6.55 -25.81 6.24
CA ASP B 104 -6.60 -27.11 5.54
C ASP B 104 -6.84 -27.02 4.04
N GLY B 105 -6.76 -25.81 3.48
CA GLY B 105 -7.00 -25.57 2.05
C GLY B 105 -8.47 -25.58 1.64
N GLY B 106 -9.35 -25.70 2.63
CA GLY B 106 -10.80 -25.66 2.36
C GLY B 106 -11.35 -24.27 2.08
N PRO B 107 -12.65 -24.18 1.77
CA PRO B 107 -13.23 -22.90 1.45
C PRO B 107 -13.13 -21.84 2.59
N GLN B 108 -13.25 -22.25 3.84
CA GLN B 108 -13.14 -21.28 4.94
C GLN B 108 -11.73 -20.71 5.04
N ASN B 109 -10.73 -21.58 4.94
CA ASN B 109 -9.33 -21.15 4.86
C ASN B 109 -9.19 -20.15 3.69
N GLY B 110 -9.79 -20.48 2.55
CA GLY B 110 -9.74 -19.59 1.39
C GLY B 110 -10.26 -18.19 1.71
N LEU B 111 -11.35 -18.11 2.47
CA LEU B 111 -11.94 -16.81 2.79
C LEU B 111 -11.03 -16.02 3.73
N VAL B 112 -10.50 -16.69 4.73
CA VAL B 112 -9.61 -16.01 5.69
C VAL B 112 -8.35 -15.53 4.98
N THR B 113 -7.77 -16.38 4.13
CA THR B 113 -6.57 -15.98 3.39
C THR B 113 -6.82 -14.68 2.60
N ALA B 114 -7.99 -14.58 1.98
CA ALA B 114 -8.37 -13.38 1.21
C ALA B 114 -8.56 -12.15 2.07
N ASP B 115 -9.25 -12.33 3.20
CA ASP B 115 -9.41 -11.25 4.17
C ASP B 115 -8.05 -10.77 4.70
N VAL B 116 -7.20 -11.71 5.10
CA VAL B 116 -5.88 -11.36 5.62
C VAL B 116 -5.05 -10.64 4.56
N ALA B 117 -5.24 -11.04 3.31
CA ALA B 117 -4.53 -10.36 2.22
C ALA B 117 -4.95 -8.89 2.09
N PHE B 118 -6.23 -8.57 2.34
CA PHE B 118 -6.66 -7.19 2.32
C PHE B 118 -5.94 -6.39 3.43
N TYR B 119 -5.86 -6.99 4.60
CA TYR B 119 -5.14 -6.41 5.74
C TYR B 119 -3.67 -6.17 5.39
N THR B 120 -2.99 -7.19 4.87
CA THR B 120 -1.57 -7.02 4.53
C THR B 120 -1.32 -6.06 3.37
N GLY B 121 -2.19 -6.09 2.36
CA GLY B 121 -2.06 -5.16 1.24
C GLY B 121 -2.21 -3.72 1.69
N ASN B 122 -3.23 -3.46 2.50
CA ASN B 122 -3.42 -2.11 3.07
C ASN B 122 -2.28 -1.70 4.02
N LEU B 123 -1.84 -2.63 4.86
CA LEU B 123 -0.74 -2.34 5.81
C LEU B 123 0.59 -2.00 5.10
N GLN B 124 0.96 -2.83 4.13
CA GLN B 124 2.30 -2.70 3.53
C GLN B 124 2.36 -1.48 2.64
N ALA B 125 1.19 -0.98 2.23
CA ALA B 125 1.16 0.20 1.34
C ALA B 125 1.22 1.49 2.12
N LEU B 126 1.11 1.43 3.45
CA LEU B 126 1.23 2.68 4.22
C LEU B 126 2.66 3.19 4.19
N LYS B 127 2.82 4.53 4.14
CA LYS B 127 4.15 5.12 3.99
C LYS B 127 5.14 4.58 5.01
N GLY B 128 6.27 4.08 4.51
CA GLY B 128 7.33 3.62 5.39
C GLY B 128 7.27 2.14 5.76
N LEU B 129 6.17 1.45 5.38
CA LEU B 129 5.96 0.05 5.81
C LEU B 129 6.18 -1.08 4.76
N LYS B 130 6.74 -0.75 3.59
CA LYS B 130 6.91 -1.75 2.52
C LYS B 130 7.70 -2.97 2.92
N ASP B 131 8.68 -2.77 3.81
CA ASP B 131 9.65 -3.84 4.07
C ASP B 131 9.41 -4.59 5.35
N LEU B 132 8.32 -4.27 6.05
CA LEU B 132 7.97 -4.98 7.27
C LEU B 132 7.82 -6.47 6.98
N ASP B 133 8.37 -7.28 7.87
CA ASP B 133 8.23 -8.72 7.82
CA ASP B 133 8.19 -8.72 7.76
C ASP B 133 7.09 -9.10 8.76
N LEU B 134 5.94 -9.42 8.20
CA LEU B 134 4.70 -9.56 8.98
C LEU B 134 4.50 -10.94 9.64
N ASN B 135 5.17 -11.99 9.12
CA ASN B 135 5.02 -13.36 9.63
C ASN B 135 3.55 -13.76 9.88
N MET B 136 2.69 -13.54 8.87
CA MET B 136 1.24 -13.76 9.05
CA MET B 136 1.26 -13.76 9.01
C MET B 136 0.81 -15.22 9.25
N ALA B 137 1.61 -16.17 8.80
CA ALA B 137 1.27 -17.60 8.97
C ALA B 137 1.14 -18.00 10.43
N GLU B 138 1.66 -17.18 11.33
CA GLU B 138 1.54 -17.49 12.75
C GLU B 138 0.08 -17.49 13.23
N ILE B 139 -0.83 -16.90 12.44
CA ILE B 139 -2.24 -16.87 12.87
C ILE B 139 -2.89 -18.25 12.95
N TRP B 140 -2.24 -19.23 12.34
CA TRP B 140 -2.78 -20.59 12.23
C TRP B 140 -2.27 -21.54 13.28
N GLU B 141 -1.23 -21.12 14.00
CA GLU B 141 -0.62 -21.92 15.05
C GLU B 141 -1.53 -22.08 16.25
#